data_4P6W
#
_entry.id   4P6W
#
_cell.length_a   130.218
_cell.length_b   130.218
_cell.length_c   130.218
_cell.angle_alpha   90.000
_cell.angle_beta   90.000
_cell.angle_gamma   90.000
#
_symmetry.space_group_name_H-M   'P 2 3'
#
loop_
_entity.id
_entity.type
_entity.pdbx_description
1 polymer 'Glucocorticoid receptor'
2 polymer 'Nuclear receptor coactivator 2'
3 non-polymer 'MOMETASONE FUROATE'
4 water water
#
loop_
_entity_poly.entity_id
_entity_poly.type
_entity_poly.pdbx_seq_one_letter_code
_entity_poly.pdbx_strand_id
1 'polypeptide(L)'
;PQLTPTLVSLLEVIEPEVLYAGYDSSVPDSTWRIMTTLNMLGGRQVIAAVKWAKAIPGFRNLHLDDQMTLLQYSWMALMA
FALGWRSYRQSSANLLYFAPDLIINEQRMTLPCMYDQCKHMLYVSSELHRLQVSYEEYLCMKVLLLLSTIPKDGLKSQEL
FDEIRMTYIKELGAAIVAREGNSSQNWQRFYQLTKLLDSMHEVVENLLNYCFQTFLDKTMSIEFPEMLAEIITNQIPKYS
NGNIKKLLFHQK
;
A
2 'polypeptide(L)' ANALLRYLLDKD B
#
# COMPACT_ATOMS: atom_id res chain seq x y z
N PRO A 1 15.91 24.31 -14.40
CA PRO A 1 15.35 25.64 -14.15
C PRO A 1 14.37 25.66 -12.98
N GLN A 2 14.40 24.64 -12.13
CA GLN A 2 13.53 24.61 -10.96
C GLN A 2 14.24 25.27 -9.78
N LEU A 3 13.57 26.24 -9.16
CA LEU A 3 14.18 27.00 -8.08
C LEU A 3 13.65 26.57 -6.72
N THR A 4 12.80 25.56 -6.72
CA THR A 4 12.22 25.02 -5.49
C THR A 4 12.61 23.56 -5.31
N PRO A 5 12.51 23.04 -4.08
CA PRO A 5 12.85 21.62 -3.89
C PRO A 5 11.81 20.71 -4.53
N THR A 6 12.23 19.58 -5.08
CA THR A 6 11.29 18.64 -5.68
C THR A 6 10.48 17.93 -4.60
N LEU A 7 9.22 17.63 -4.90
CA LEU A 7 8.38 16.89 -3.98
C LEU A 7 8.95 15.51 -3.71
N VAL A 8 9.52 14.90 -4.74
CA VAL A 8 10.06 13.55 -4.59
C VAL A 8 11.24 13.52 -3.61
N SER A 9 12.00 14.63 -3.54
CA SER A 9 13.11 14.71 -2.61
C SER A 9 12.57 14.68 -1.18
N LEU A 10 11.39 15.27 -0.98
CA LEU A 10 10.73 15.21 0.33
C LEU A 10 10.23 13.80 0.62
N LEU A 11 9.64 13.15 -0.39
CA LEU A 11 9.10 11.81 -0.21
C LEU A 11 10.22 10.84 0.19
N GLU A 12 11.42 11.07 -0.33
CA GLU A 12 12.58 10.26 0.04
C GLU A 12 12.91 10.41 1.52
N VAL A 13 12.71 11.62 2.05
CA VAL A 13 13.04 11.91 3.44
C VAL A 13 12.03 11.30 4.43
N ILE A 14 10.75 11.34 4.07
CA ILE A 14 9.72 10.87 5.01
C ILE A 14 9.39 9.38 4.86
N GLU A 15 10.03 8.69 3.92
CA GLU A 15 9.82 7.26 3.77
C GLU A 15 10.31 6.51 5.01
N PRO A 16 9.41 5.79 5.70
CA PRO A 16 9.77 5.12 6.95
C PRO A 16 10.73 3.95 6.75
N GLU A 17 11.55 3.67 7.76
CA GLU A 17 12.50 2.57 7.70
C GLU A 17 11.78 1.22 7.74
N VAL A 18 12.45 0.19 7.22
CA VAL A 18 11.89 -1.15 7.20
C VAL A 18 11.83 -1.73 8.61
N LEU A 19 10.68 -2.28 8.97
CA LEU A 19 10.47 -2.85 10.29
C LEU A 19 10.77 -4.34 10.33
N TYR A 20 11.19 -4.83 11.50
CA TYR A 20 11.43 -6.25 11.71
C TYR A 20 10.17 -6.93 12.22
N ALA A 21 9.99 -8.19 11.84
CA ALA A 21 8.79 -8.94 12.21
C ALA A 21 8.90 -9.52 13.62
N GLY A 22 10.13 -9.80 14.05
CA GLY A 22 10.35 -10.44 15.34
C GLY A 22 9.95 -11.90 15.30
N TYR A 23 10.08 -12.51 14.13
CA TYR A 23 9.70 -13.91 13.94
C TYR A 23 10.73 -14.85 14.56
N ASP A 24 10.25 -15.78 15.39
CA ASP A 24 11.09 -16.80 15.97
C ASP A 24 11.28 -17.95 14.99
N SER A 25 12.50 -18.11 14.50
CA SER A 25 12.78 -19.15 13.51
C SER A 25 13.51 -20.35 14.11
N SER A 26 13.59 -20.40 15.44
CA SER A 26 14.22 -21.53 16.12
C SER A 26 13.24 -22.68 16.30
N VAL A 27 12.00 -22.44 15.88
CA VAL A 27 10.91 -23.39 16.01
C VAL A 27 10.30 -23.59 14.63
N PRO A 28 9.85 -24.83 14.31
CA PRO A 28 9.29 -25.10 12.97
C PRO A 28 8.18 -24.13 12.54
N ASP A 29 8.15 -23.81 11.25
CA ASP A 29 7.14 -22.92 10.70
C ASP A 29 5.75 -23.53 10.79
N SER A 30 4.76 -22.66 10.74
CA SER A 30 3.36 -23.05 10.60
C SER A 30 2.68 -21.87 9.94
N THR A 31 1.62 -22.13 9.18
CA THR A 31 0.91 -21.07 8.51
C THR A 31 0.33 -20.08 9.52
N TRP A 32 -0.24 -20.63 10.60
CA TRP A 32 -0.85 -19.81 11.65
C TRP A 32 0.14 -18.82 12.27
N ARG A 33 1.33 -19.32 12.59
CA ARG A 33 2.34 -18.51 13.22
C ARG A 33 2.81 -17.38 12.30
N ILE A 34 3.02 -17.73 11.04
CA ILE A 34 3.46 -16.75 10.05
C ILE A 34 2.41 -15.66 9.83
N MET A 35 1.16 -16.06 9.65
CA MET A 35 0.07 -15.12 9.42
C MET A 35 -0.12 -14.17 10.60
N THR A 36 -0.11 -14.70 11.81
CA THR A 36 -0.24 -13.88 13.00
C THR A 36 0.90 -12.87 13.09
N THR A 37 2.12 -13.35 12.88
CA THR A 37 3.30 -12.49 12.95
C THR A 37 3.23 -11.39 11.89
N LEU A 38 2.72 -11.72 10.71
CA LEU A 38 2.61 -10.75 9.63
C LEU A 38 1.51 -9.73 9.93
N ASN A 39 0.42 -10.18 10.52
CA ASN A 39 -0.65 -9.28 10.95
C ASN A 39 -0.16 -8.25 11.95
N MET A 40 0.64 -8.69 12.92
CA MET A 40 1.18 -7.79 13.93
C MET A 40 2.16 -6.82 13.28
N LEU A 41 2.98 -7.32 12.37
CA LEU A 41 3.90 -6.48 11.61
C LEU A 41 3.12 -5.46 10.80
N GLY A 42 2.03 -5.91 10.18
CA GLY A 42 1.18 -5.05 9.37
C GLY A 42 0.59 -3.91 10.17
N GLY A 43 0.13 -4.22 11.38
CA GLY A 43 -0.41 -3.21 12.27
C GLY A 43 0.58 -2.08 12.51
N ARG A 44 1.83 -2.44 12.75
CA ARG A 44 2.89 -1.47 13.01
C ARG A 44 3.28 -0.70 11.74
N GLN A 45 3.24 -1.38 10.60
CA GLN A 45 3.54 -0.71 9.33
C GLN A 45 2.47 0.33 9.00
N VAL A 46 1.22 0.00 9.33
CA VAL A 46 0.11 0.90 9.08
C VAL A 46 0.19 2.13 10.01
N ILE A 47 0.59 1.91 11.25
CA ILE A 47 0.80 3.01 12.18
C ILE A 47 1.89 3.94 11.64
N ALA A 48 2.97 3.35 11.13
CA ALA A 48 4.05 4.13 10.51
C ALA A 48 3.55 4.85 9.26
N ALA A 49 2.56 4.28 8.59
CA ALA A 49 2.00 4.88 7.39
C ALA A 49 1.18 6.13 7.71
N VAL A 50 0.55 6.14 8.89
CA VAL A 50 -0.19 7.32 9.33
C VAL A 50 0.74 8.51 9.50
N LYS A 51 1.87 8.28 10.18
CA LYS A 51 2.87 9.32 10.36
C LYS A 51 3.42 9.79 9.02
N TRP A 52 3.63 8.84 8.11
CA TRP A 52 4.07 9.12 6.76
C TRP A 52 3.07 10.03 6.03
N ALA A 53 1.80 9.64 6.04
CA ALA A 53 0.75 10.41 5.37
C ALA A 53 0.67 11.83 5.90
N LYS A 54 0.79 12.00 7.21
CA LYS A 54 0.70 13.33 7.81
C LYS A 54 1.88 14.23 7.42
N ALA A 55 2.94 13.63 6.90
CA ALA A 55 4.10 14.41 6.47
C ALA A 55 4.01 14.80 4.99
N ILE A 56 2.99 14.31 4.30
CA ILE A 56 2.73 14.70 2.92
C ILE A 56 2.07 16.08 2.91
N PRO A 57 2.74 17.09 2.33
CA PRO A 57 2.20 18.45 2.39
C PRO A 57 0.77 18.53 1.85
N GLY A 58 -0.13 19.09 2.65
CA GLY A 58 -1.52 19.20 2.27
C GLY A 58 -2.44 18.17 2.90
N PHE A 59 -1.89 16.98 3.18
CA PHE A 59 -2.73 15.90 3.70
C PHE A 59 -3.41 16.28 5.02
N ARG A 60 -2.66 16.92 5.91
CA ARG A 60 -3.21 17.32 7.20
C ARG A 60 -4.25 18.44 7.08
N ASN A 61 -4.28 19.11 5.93
CA ASN A 61 -5.26 20.18 5.70
C ASN A 61 -6.61 19.62 5.25
N LEU A 62 -6.63 18.36 4.84
CA LEU A 62 -7.89 17.70 4.53
C LEU A 62 -8.72 17.56 5.79
N HIS A 63 -10.03 17.44 5.64
CA HIS A 63 -10.89 17.18 6.78
C HIS A 63 -10.44 15.89 7.46
N LEU A 64 -10.49 15.84 8.78
CA LEU A 64 -10.00 14.68 9.52
C LEU A 64 -10.72 13.39 9.11
N ASP A 65 -12.01 13.49 8.83
CA ASP A 65 -12.78 12.35 8.33
C ASP A 65 -12.22 11.86 7.00
N ASP A 66 -11.74 12.79 6.18
CA ASP A 66 -11.15 12.44 4.88
C ASP A 66 -9.82 11.72 5.04
N GLN A 67 -8.98 12.23 5.94
CA GLN A 67 -7.70 11.61 6.24
C GLN A 67 -7.91 10.17 6.69
N MET A 68 -8.91 9.99 7.53
CA MET A 68 -9.25 8.68 8.06
C MET A 68 -9.72 7.77 6.94
N THR A 69 -10.66 8.27 6.15
CA THR A 69 -11.26 7.52 5.06
C THR A 69 -10.23 7.04 4.05
N LEU A 70 -9.30 7.92 3.68
CA LEU A 70 -8.27 7.58 2.70
C LEU A 70 -7.37 6.44 3.18
N LEU A 71 -6.97 6.50 4.44
CA LEU A 71 -6.10 5.47 5.01
C LEU A 71 -6.84 4.14 5.19
N GLN A 72 -8.12 4.22 5.52
CA GLN A 72 -8.95 3.01 5.64
C GLN A 72 -9.11 2.30 4.30
N TYR A 73 -9.29 3.08 3.24
CA TYR A 73 -9.50 2.50 1.91
C TYR A 73 -8.22 1.96 1.29
N SER A 74 -7.07 2.53 1.65
CA SER A 74 -5.85 2.23 0.90
C SER A 74 -4.76 1.52 1.68
N TRP A 75 -5.01 1.18 2.94
CA TRP A 75 -3.94 0.60 3.76
C TRP A 75 -3.38 -0.67 3.13
N MET A 76 -4.24 -1.51 2.58
CA MET A 76 -3.80 -2.75 1.94
C MET A 76 -2.99 -2.44 0.68
N ALA A 77 -3.44 -1.45 -0.09
CA ALA A 77 -2.71 -1.03 -1.28
C ALA A 77 -1.30 -0.58 -0.92
N LEU A 78 -1.21 0.27 0.10
CA LEU A 78 0.08 0.77 0.56
C LEU A 78 0.98 -0.36 1.05
N MET A 79 0.43 -1.28 1.85
CA MET A 79 1.22 -2.37 2.40
C MET A 79 1.70 -3.32 1.31
N ALA A 80 0.81 -3.68 0.39
CA ALA A 80 1.16 -4.61 -0.68
C ALA A 80 2.17 -4.00 -1.66
N PHE A 81 2.06 -2.71 -1.90
CA PHE A 81 2.96 -2.04 -2.83
C PHE A 81 4.37 -1.97 -2.26
N ALA A 82 4.49 -1.63 -0.98
CA ALA A 82 5.78 -1.59 -0.31
C ALA A 82 6.40 -2.98 -0.24
N LEU A 83 5.56 -3.98 0.00
CA LEU A 83 6.01 -5.38 0.00
C LEU A 83 6.59 -5.75 -1.36
N GLY A 84 5.87 -5.39 -2.42
CA GLY A 84 6.33 -5.62 -3.77
C GLY A 84 7.68 -4.96 -4.02
N TRP A 85 7.82 -3.73 -3.56
CA TRP A 85 9.07 -3.00 -3.77
C TRP A 85 10.26 -3.66 -3.07
N ARG A 86 10.10 -4.01 -1.79
CA ARG A 86 11.16 -4.67 -1.05
C ARG A 86 11.56 -5.98 -1.72
N SER A 87 10.56 -6.73 -2.17
CA SER A 87 10.79 -8.02 -2.82
C SER A 87 11.54 -7.82 -4.13
N TYR A 88 11.11 -6.83 -4.90
CA TYR A 88 11.74 -6.49 -6.17
C TYR A 88 13.20 -6.07 -5.98
N ARG A 89 13.45 -5.24 -4.97
CA ARG A 89 14.79 -4.72 -4.73
C ARG A 89 15.75 -5.76 -4.16
N GLN A 90 15.23 -6.65 -3.33
CA GLN A 90 16.09 -7.53 -2.58
C GLN A 90 16.67 -8.67 -3.41
N SER A 91 15.88 -9.22 -4.31
CA SER A 91 16.30 -10.46 -4.95
C SER A 91 16.34 -10.42 -6.47
N SER A 92 16.55 -11.61 -7.00
CA SER A 92 16.33 -11.94 -8.39
C SER A 92 15.16 -12.90 -8.34
N ALA A 93 15.15 -13.65 -7.25
CA ALA A 93 14.26 -14.77 -7.02
C ALA A 93 12.78 -14.43 -7.01
N ASN A 94 11.99 -15.48 -6.81
CA ASN A 94 10.55 -15.43 -6.70
C ASN A 94 10.19 -15.44 -5.20
N LEU A 95 10.56 -14.37 -4.50
CA LEU A 95 10.37 -14.34 -3.05
C LEU A 95 9.61 -13.10 -2.57
N LEU A 96 9.08 -13.21 -1.36
CA LEU A 96 8.39 -12.10 -0.72
C LEU A 96 9.14 -11.66 0.54
N TYR A 97 9.64 -10.44 0.51
CA TYR A 97 10.47 -9.89 1.57
C TYR A 97 9.62 -9.05 2.53
N PHE A 98 8.86 -9.71 3.40
CA PHE A 98 8.00 -9.01 4.34
C PHE A 98 8.83 -8.19 5.32
N ALA A 99 9.94 -8.77 5.73
CA ALA A 99 10.85 -8.15 6.69
C ALA A 99 12.19 -8.84 6.59
N PRO A 100 13.27 -8.19 7.05
CA PRO A 100 14.58 -8.83 6.96
C PRO A 100 14.63 -10.19 7.67
N ASP A 101 13.76 -10.36 8.67
CA ASP A 101 13.74 -11.60 9.44
C ASP A 101 12.54 -12.48 9.11
N LEU A 102 11.79 -12.13 8.08
CA LEU A 102 10.69 -12.97 7.62
C LEU A 102 10.57 -12.91 6.10
N ILE A 103 11.35 -13.76 5.44
CA ILE A 103 11.35 -13.85 3.99
C ILE A 103 10.69 -15.17 3.55
N ILE A 104 9.73 -15.08 2.64
CA ILE A 104 9.07 -16.28 2.16
C ILE A 104 9.52 -16.61 0.74
N ASN A 105 10.32 -17.68 0.63
CA ASN A 105 10.83 -18.14 -0.65
C ASN A 105 9.88 -19.16 -1.27
N GLU A 106 10.34 -19.81 -2.34
CA GLU A 106 9.53 -20.81 -3.04
C GLU A 106 9.15 -21.96 -2.11
N GLN A 107 10.08 -22.36 -1.26
CA GLN A 107 9.83 -23.44 -0.28
C GLN A 107 8.68 -23.09 0.65
N ARG A 108 8.81 -21.99 1.39
CA ARG A 108 7.81 -21.60 2.38
C ARG A 108 6.43 -21.36 1.76
N MET A 109 6.41 -21.08 0.47
CA MET A 109 5.16 -20.84 -0.24
C MET A 109 4.28 -22.09 -0.31
N THR A 110 4.89 -23.26 -0.11
CA THR A 110 4.15 -24.51 -0.19
C THR A 110 3.40 -24.82 1.11
N LEU A 111 3.64 -24.03 2.15
CA LEU A 111 2.89 -24.15 3.40
C LEU A 111 1.40 -24.06 3.13
N PRO A 112 0.57 -24.69 3.99
CA PRO A 112 -0.88 -24.69 3.79
C PRO A 112 -1.48 -23.30 3.64
N CYS A 113 -2.40 -23.15 2.69
CA CYS A 113 -3.15 -21.91 2.48
C CYS A 113 -2.29 -20.71 2.12
N MET A 114 -1.11 -20.93 1.56
CA MET A 114 -0.21 -19.81 1.29
C MET A 114 0.15 -19.58 -0.19
N TYR A 115 -0.11 -20.57 -1.05
CA TYR A 115 0.33 -20.44 -2.43
C TYR A 115 -0.42 -19.35 -3.20
N ASP A 116 -1.74 -19.42 -3.23
CA ASP A 116 -2.55 -18.47 -3.99
C ASP A 116 -2.32 -17.03 -3.54
N GLN A 117 -2.25 -16.82 -2.23
CA GLN A 117 -2.05 -15.49 -1.68
C GLN A 117 -0.69 -14.92 -2.08
N CYS A 118 0.35 -15.73 -1.92
CA CYS A 118 1.69 -15.30 -2.28
C CYS A 118 1.80 -14.96 -3.76
N LYS A 119 1.06 -15.70 -4.59
CA LYS A 119 1.06 -15.45 -6.03
C LYS A 119 0.49 -14.07 -6.35
N HIS A 120 -0.61 -13.73 -5.71
CA HIS A 120 -1.23 -12.42 -5.89
C HIS A 120 -0.28 -11.30 -5.44
N MET A 121 0.46 -11.54 -4.37
CA MET A 121 1.41 -10.56 -3.86
C MET A 121 2.65 -10.47 -4.75
N LEU A 122 3.07 -11.59 -5.30
CA LEU A 122 4.24 -11.63 -6.16
C LEU A 122 3.98 -10.89 -7.48
N TYR A 123 2.72 -10.71 -7.83
CA TYR A 123 2.35 -9.97 -9.02
C TYR A 123 2.92 -8.55 -8.97
N VAL A 124 2.86 -7.93 -7.80
CA VAL A 124 3.35 -6.56 -7.65
C VAL A 124 4.85 -6.47 -7.93
N SER A 125 5.63 -7.34 -7.30
CA SER A 125 7.07 -7.34 -7.53
C SER A 125 7.41 -7.73 -8.97
N SER A 126 6.58 -8.58 -9.56
CA SER A 126 6.75 -8.99 -10.94
C SER A 126 6.60 -7.81 -11.89
N GLU A 127 5.57 -7.00 -11.66
CA GLU A 127 5.29 -5.83 -12.49
C GLU A 127 6.36 -4.76 -12.32
N LEU A 128 6.76 -4.49 -11.09
CA LEU A 128 7.83 -3.53 -10.82
C LEU A 128 9.10 -3.93 -11.54
N HIS A 129 9.36 -5.23 -11.61
CA HIS A 129 10.53 -5.74 -12.29
C HIS A 129 10.39 -5.61 -13.80
N ARG A 130 9.21 -5.93 -14.31
CA ARG A 130 8.94 -5.85 -15.74
C ARG A 130 9.14 -4.43 -16.27
N LEU A 131 8.67 -3.45 -15.51
CA LEU A 131 8.71 -2.06 -15.94
C LEU A 131 9.99 -1.36 -15.46
N GLN A 132 10.80 -2.08 -14.68
CA GLN A 132 12.04 -1.54 -14.12
C GLN A 132 11.78 -0.19 -13.43
N VAL A 133 10.78 -0.17 -12.56
CA VAL A 133 10.38 1.04 -11.86
C VAL A 133 11.52 1.58 -10.99
N SER A 134 11.73 2.89 -11.04
CA SER A 134 12.77 3.53 -10.24
C SER A 134 12.25 3.89 -8.85
N TYR A 135 13.16 4.15 -7.92
CA TYR A 135 12.79 4.52 -6.56
C TYR A 135 11.90 5.76 -6.55
N GLU A 136 12.25 6.77 -7.35
CA GLU A 136 11.45 7.99 -7.42
C GLU A 136 10.07 7.75 -7.99
N GLU A 137 9.97 6.92 -9.02
CA GLU A 137 8.67 6.56 -9.58
C GLU A 137 7.84 5.83 -8.52
N TYR A 138 8.48 4.89 -7.84
CA TYR A 138 7.83 4.14 -6.77
C TYR A 138 7.24 5.05 -5.70
N LEU A 139 8.01 6.03 -5.25
CA LEU A 139 7.55 6.92 -4.17
C LEU A 139 6.34 7.74 -4.58
N CYS A 140 6.32 8.22 -5.83
CA CYS A 140 5.17 8.98 -6.33
C CYS A 140 3.96 8.09 -6.49
N MET A 141 4.18 6.88 -6.97
CA MET A 141 3.08 5.93 -7.15
C MET A 141 2.48 5.56 -5.80
N LYS A 142 3.31 5.42 -4.78
CA LYS A 142 2.81 5.05 -3.47
C LYS A 142 1.89 6.13 -2.90
N VAL A 143 2.20 7.40 -3.14
CA VAL A 143 1.32 8.48 -2.73
C VAL A 143 -0.01 8.40 -3.48
N LEU A 144 0.04 8.09 -4.77
CA LEU A 144 -1.17 8.00 -5.57
C LEU A 144 -2.09 6.88 -5.09
N LEU A 145 -1.51 5.80 -4.56
CA LEU A 145 -2.30 4.71 -4.01
C LEU A 145 -3.06 5.18 -2.76
N LEU A 146 -2.42 6.00 -1.95
CA LEU A 146 -3.09 6.61 -0.80
C LEU A 146 -4.29 7.42 -1.26
N LEU A 147 -4.20 7.97 -2.46
CA LEU A 147 -5.25 8.82 -3.02
C LEU A 147 -6.00 8.12 -4.14
N SER A 148 -6.16 6.80 -4.04
CA SER A 148 -6.72 6.02 -5.14
C SER A 148 -8.18 5.64 -4.95
N THR A 149 -8.67 5.69 -3.71
CA THR A 149 -10.03 5.26 -3.42
C THR A 149 -10.74 6.20 -2.44
N ILE A 150 -11.98 6.56 -2.76
CA ILE A 150 -12.75 7.48 -1.93
C ILE A 150 -14.19 6.96 -1.75
N PRO A 151 -14.96 7.57 -0.83
CA PRO A 151 -16.36 7.14 -0.69
C PRO A 151 -17.18 7.37 -1.95
N LYS A 152 -18.29 6.65 -2.07
CA LYS A 152 -19.16 6.75 -3.24
C LYS A 152 -19.61 8.20 -3.48
N ASP A 153 -19.80 8.95 -2.40
CA ASP A 153 -20.25 10.33 -2.51
C ASP A 153 -19.14 11.35 -2.31
N GLY A 154 -17.89 10.89 -2.37
CA GLY A 154 -16.75 11.79 -2.31
C GLY A 154 -16.30 12.18 -0.92
N LEU A 155 -15.35 13.12 -0.87
CA LEU A 155 -14.78 13.59 0.39
C LEU A 155 -15.35 14.95 0.78
N LYS A 156 -15.17 15.34 2.04
CA LYS A 156 -15.59 16.65 2.50
C LYS A 156 -14.70 17.74 1.94
N SER A 157 -13.41 17.43 1.83
CA SER A 157 -12.44 18.35 1.25
C SER A 157 -12.09 17.92 -0.17
N GLN A 158 -13.12 17.75 -1.01
CA GLN A 158 -12.93 17.20 -2.35
C GLN A 158 -12.03 18.07 -3.21
N GLU A 159 -12.16 19.39 -3.09
CA GLU A 159 -11.39 20.29 -3.94
C GLU A 159 -9.89 20.25 -3.61
N LEU A 160 -9.57 20.25 -2.32
CA LEU A 160 -8.17 20.15 -1.92
C LEU A 160 -7.61 18.78 -2.27
N PHE A 161 -8.42 17.74 -2.07
CA PHE A 161 -8.01 16.38 -2.43
C PHE A 161 -7.63 16.27 -3.90
N ASP A 162 -8.51 16.79 -4.77
CA ASP A 162 -8.26 16.75 -6.21
C ASP A 162 -6.96 17.46 -6.59
N GLU A 163 -6.71 18.61 -5.96
CA GLU A 163 -5.48 19.36 -6.23
C GLU A 163 -4.24 18.59 -5.79
N ILE A 164 -4.32 17.93 -4.63
CA ILE A 164 -3.20 17.12 -4.16
C ILE A 164 -2.96 15.96 -5.12
N ARG A 165 -4.03 15.29 -5.53
CA ARG A 165 -3.90 14.14 -6.42
C ARG A 165 -3.29 14.54 -7.76
N MET A 166 -3.73 15.67 -8.32
CA MET A 166 -3.16 16.16 -9.57
C MET A 166 -1.69 16.48 -9.40
N THR A 167 -1.33 16.99 -8.23
CA THR A 167 0.06 17.33 -7.92
C THR A 167 0.98 16.12 -8.03
N TYR A 168 0.51 14.96 -7.57
CA TYR A 168 1.36 13.78 -7.59
C TYR A 168 1.30 13.03 -8.92
N ILE A 169 0.26 13.27 -9.69
CA ILE A 169 0.24 12.81 -11.07
C ILE A 169 1.34 13.55 -11.83
N LYS A 170 1.42 14.85 -11.62
CA LYS A 170 2.48 15.66 -12.19
C LYS A 170 3.85 15.18 -11.71
N GLU A 171 3.96 14.92 -10.42
CA GLU A 171 5.23 14.50 -9.83
C GLU A 171 5.67 13.14 -10.36
N LEU A 172 4.72 12.24 -10.58
CA LEU A 172 5.02 10.96 -11.20
C LEU A 172 5.62 11.18 -12.59
N GLY A 173 5.07 12.15 -13.31
CA GLY A 173 5.59 12.54 -14.60
C GLY A 173 7.04 13.01 -14.49
N ALA A 174 7.31 13.83 -13.49
CA ALA A 174 8.66 14.34 -13.26
C ALA A 174 9.64 13.21 -12.98
N ALA A 175 9.19 12.21 -12.23
CA ALA A 175 10.03 11.06 -11.90
C ALA A 175 10.37 10.25 -13.15
N ILE A 176 9.40 10.11 -14.05
CA ILE A 176 9.62 9.41 -15.31
C ILE A 176 10.69 10.13 -16.13
N VAL A 177 10.62 11.45 -16.17
CA VAL A 177 11.61 12.25 -16.89
C VAL A 177 12.98 12.16 -16.23
N ALA A 178 13.01 12.23 -14.90
CA ALA A 178 14.25 12.15 -14.14
C ALA A 178 14.91 10.78 -14.32
N ARG A 179 14.09 9.78 -14.59
CA ARG A 179 14.56 8.42 -14.77
C ARG A 179 15.48 8.30 -15.98
N GLU A 180 16.57 7.57 -15.80
CA GLU A 180 17.52 7.29 -16.87
C GLU A 180 16.91 6.36 -17.92
N GLY A 181 16.30 6.93 -18.96
CA GLY A 181 15.63 6.12 -19.96
C GLY A 181 15.29 6.81 -21.27
N ASN A 182 14.37 6.19 -22.02
CA ASN A 182 13.97 6.67 -23.34
C ASN A 182 13.08 7.90 -23.27
N SER A 183 13.56 9.02 -23.80
CA SER A 183 12.86 10.30 -23.72
C SER A 183 11.55 10.33 -24.51
N SER A 184 11.60 9.85 -25.75
CA SER A 184 10.43 9.90 -26.63
C SER A 184 9.32 8.94 -26.19
N GLN A 185 9.61 8.14 -25.16
CA GLN A 185 8.65 7.15 -24.70
C GLN A 185 8.10 7.47 -23.32
N ASN A 186 8.33 8.69 -22.84
CA ASN A 186 7.88 9.10 -21.53
C ASN A 186 6.37 8.98 -21.36
N TRP A 187 5.61 9.37 -22.39
CA TRP A 187 4.16 9.34 -22.28
C TRP A 187 3.62 7.93 -22.35
N GLN A 188 4.33 7.04 -23.02
CA GLN A 188 3.95 5.64 -23.04
C GLN A 188 4.18 5.04 -21.66
N ARG A 189 5.30 5.39 -21.04
CA ARG A 189 5.61 4.90 -19.69
C ARG A 189 4.63 5.47 -18.67
N PHE A 190 4.19 6.70 -18.90
CA PHE A 190 3.19 7.32 -18.05
C PHE A 190 1.92 6.48 -18.05
N TYR A 191 1.52 6.02 -19.23
CA TYR A 191 0.38 5.13 -19.34
C TYR A 191 0.62 3.82 -18.61
N GLN A 192 1.81 3.25 -18.81
CA GLN A 192 2.14 1.96 -18.21
C GLN A 192 2.13 2.00 -16.69
N LEU A 193 2.70 3.07 -16.12
CA LEU A 193 2.76 3.19 -14.67
C LEU A 193 1.38 3.45 -14.06
N THR A 194 0.57 4.26 -14.72
CA THR A 194 -0.77 4.52 -14.22
C THR A 194 -1.68 3.30 -14.48
N LYS A 195 -1.29 2.49 -15.45
CA LYS A 195 -1.99 1.23 -15.70
C LYS A 195 -1.74 0.28 -14.54
N LEU A 196 -0.49 0.21 -14.10
CA LEU A 196 -0.12 -0.57 -12.93
C LEU A 196 -0.89 -0.11 -11.70
N LEU A 197 -1.05 1.19 -11.55
CA LEU A 197 -1.82 1.74 -10.43
C LEU A 197 -3.27 1.25 -10.48
N ASP A 198 -3.84 1.23 -11.68
CA ASP A 198 -5.20 0.74 -11.86
C ASP A 198 -5.33 -0.72 -11.44
N SER A 199 -4.33 -1.53 -11.77
CA SER A 199 -4.39 -2.95 -11.49
C SER A 199 -4.19 -3.26 -10.00
N MET A 200 -3.63 -2.32 -9.25
CA MET A 200 -3.48 -2.50 -7.81
C MET A 200 -4.85 -2.62 -7.14
N HIS A 201 -5.87 -2.04 -7.76
CA HIS A 201 -7.24 -2.18 -7.27
C HIS A 201 -7.67 -3.65 -7.21
N GLU A 202 -7.34 -4.41 -8.26
CA GLU A 202 -7.71 -5.82 -8.30
C GLU A 202 -6.83 -6.63 -7.34
N VAL A 203 -5.56 -6.28 -7.25
CA VAL A 203 -4.66 -6.91 -6.31
C VAL A 203 -5.20 -6.78 -4.88
N VAL A 204 -5.62 -5.57 -4.54
CA VAL A 204 -6.17 -5.27 -3.22
C VAL A 204 -7.49 -6.01 -3.00
N GLU A 205 -8.32 -6.06 -4.03
CA GLU A 205 -9.59 -6.76 -3.96
C GLU A 205 -9.40 -8.23 -3.57
N ASN A 206 -8.38 -8.86 -4.16
CA ASN A 206 -8.08 -10.25 -3.84
C ASN A 206 -7.55 -10.43 -2.42
N LEU A 207 -6.55 -9.63 -2.06
CA LEU A 207 -5.93 -9.73 -0.75
C LEU A 207 -6.93 -9.43 0.38
N LEU A 208 -7.81 -8.46 0.15
CA LEU A 208 -8.80 -8.09 1.15
C LEU A 208 -9.87 -9.15 1.32
N ASN A 209 -10.25 -9.81 0.22
CA ASN A 209 -11.23 -10.89 0.30
C ASN A 209 -10.73 -12.01 1.20
N TYR A 210 -9.46 -12.35 1.04
CA TYR A 210 -8.88 -13.41 1.85
C TYR A 210 -8.65 -12.92 3.29
N CYS A 211 -8.25 -11.66 3.43
CA CYS A 211 -8.05 -11.06 4.74
C CYS A 211 -9.35 -11.05 5.55
N PHE A 212 -10.42 -10.60 4.90
CA PHE A 212 -11.73 -10.55 5.53
C PHE A 212 -12.20 -11.93 5.93
N GLN A 213 -11.98 -12.89 5.04
CA GLN A 213 -12.34 -14.28 5.27
C GLN A 213 -11.63 -14.84 6.49
N THR A 214 -10.33 -14.62 6.57
CA THR A 214 -9.53 -15.07 7.69
C THR A 214 -9.96 -14.39 8.99
N PHE A 215 -10.21 -13.10 8.91
CA PHE A 215 -10.62 -12.31 10.07
C PHE A 215 -11.95 -12.81 10.65
N LEU A 216 -12.81 -13.33 9.78
CA LEU A 216 -14.13 -13.78 10.22
C LEU A 216 -14.16 -15.27 10.54
N ASP A 217 -13.06 -15.96 10.28
CA ASP A 217 -12.99 -17.40 10.54
C ASP A 217 -12.55 -17.68 11.97
N LYS A 218 -13.47 -18.24 12.75
CA LYS A 218 -13.22 -18.52 14.16
C LYS A 218 -12.52 -19.85 14.36
N THR A 219 -12.24 -20.55 13.27
CA THR A 219 -11.61 -21.87 13.35
C THR A 219 -10.10 -21.81 13.15
N MET A 220 -9.60 -20.70 12.62
CA MET A 220 -8.18 -20.62 12.27
C MET A 220 -7.27 -20.06 13.35
N SER A 221 -7.84 -19.38 14.35
CA SER A 221 -7.04 -18.89 15.48
C SER A 221 -5.84 -18.05 15.02
N ILE A 222 -6.12 -17.02 14.22
CA ILE A 222 -5.10 -16.10 13.76
C ILE A 222 -5.36 -14.72 14.37
N GLU A 223 -4.33 -14.12 14.96
CA GLU A 223 -4.49 -12.86 15.67
C GLU A 223 -4.29 -11.63 14.79
N PHE A 224 -5.08 -10.59 15.07
CA PHE A 224 -4.95 -9.29 14.43
C PHE A 224 -4.71 -8.23 15.51
N PRO A 225 -3.83 -7.24 15.23
CA PRO A 225 -3.69 -6.16 16.21
C PRO A 225 -4.87 -5.21 16.14
N GLU A 226 -5.05 -4.37 17.16
CA GLU A 226 -6.17 -3.43 17.21
C GLU A 226 -6.30 -2.60 15.94
N MET A 227 -5.18 -2.10 15.44
CA MET A 227 -5.17 -1.23 14.26
C MET A 227 -5.87 -1.89 13.06
N LEU A 228 -5.47 -3.11 12.71
CA LEU A 228 -6.04 -3.78 11.56
C LEU A 228 -7.48 -4.24 11.85
N ALA A 229 -7.72 -4.73 13.05
CA ALA A 229 -9.04 -5.24 13.41
C ALA A 229 -10.10 -4.14 13.31
N GLU A 230 -9.76 -2.94 13.74
CA GLU A 230 -10.70 -1.82 13.68
C GLU A 230 -10.97 -1.39 12.24
N ILE A 231 -9.90 -1.30 11.45
CA ILE A 231 -10.05 -0.91 10.05
C ILE A 231 -10.86 -1.94 9.27
N ILE A 232 -10.50 -3.21 9.42
CA ILE A 232 -11.18 -4.30 8.74
C ILE A 232 -12.66 -4.34 9.10
N THR A 233 -12.97 -4.21 10.38
CA THR A 233 -14.36 -4.23 10.86
C THR A 233 -15.16 -3.08 10.23
N ASN A 234 -14.54 -1.92 10.12
CA ASN A 234 -15.22 -0.75 9.57
C ASN A 234 -15.40 -0.81 8.06
N GLN A 235 -14.52 -1.54 7.37
CA GLN A 235 -14.53 -1.57 5.92
C GLN A 235 -15.45 -2.64 5.33
N ILE A 236 -15.51 -3.81 5.98
CA ILE A 236 -16.33 -4.92 5.50
C ILE A 236 -17.76 -4.49 5.08
N PRO A 237 -18.48 -3.74 5.94
CA PRO A 237 -19.81 -3.30 5.51
C PRO A 237 -19.79 -2.42 4.26
N LYS A 238 -18.81 -1.54 4.16
CA LYS A 238 -18.71 -0.60 3.03
C LYS A 238 -18.60 -1.32 1.68
N TYR A 239 -17.77 -2.36 1.63
CA TYR A 239 -17.61 -3.13 0.40
C TYR A 239 -18.90 -3.87 0.07
N SER A 240 -19.67 -4.22 1.10
CA SER A 240 -20.95 -4.89 0.92
C SER A 240 -22.01 -3.90 0.45
N ASN A 241 -22.01 -2.70 1.03
CA ASN A 241 -22.96 -1.66 0.66
C ASN A 241 -22.62 -1.00 -0.67
N GLY A 242 -21.41 -1.26 -1.17
CA GLY A 242 -20.95 -0.65 -2.40
C GLY A 242 -20.58 0.81 -2.19
N ASN A 243 -20.34 1.19 -0.94
CA ASN A 243 -19.90 2.54 -0.62
C ASN A 243 -18.40 2.67 -0.89
N ILE A 244 -18.05 2.75 -2.17
CA ILE A 244 -16.67 2.82 -2.57
C ILE A 244 -16.58 3.37 -4.00
N LYS A 245 -15.53 4.13 -4.27
CA LYS A 245 -15.30 4.67 -5.59
C LYS A 245 -13.81 4.60 -5.91
N LYS A 246 -13.44 3.65 -6.76
CA LYS A 246 -12.07 3.54 -7.21
C LYS A 246 -11.80 4.58 -8.29
N LEU A 247 -10.74 5.36 -8.12
CA LEU A 247 -10.38 6.39 -9.10
C LEU A 247 -9.49 5.79 -10.17
N LEU A 248 -10.09 5.33 -11.25
CA LEU A 248 -9.36 4.65 -12.31
C LEU A 248 -8.82 5.63 -13.34
N PHE A 249 -7.58 5.40 -13.77
CA PHE A 249 -6.98 6.21 -14.82
C PHE A 249 -7.48 5.82 -16.20
N HIS A 250 -7.77 4.53 -16.40
CA HIS A 250 -8.02 4.03 -17.76
C HIS A 250 -9.33 3.26 -17.92
N GLN A 251 -10.29 3.52 -17.03
CA GLN A 251 -11.64 2.99 -17.16
C GLN A 251 -12.64 4.02 -16.66
N LYS A 252 -13.90 3.91 -17.11
CA LYS A 252 -14.93 4.83 -16.66
C LYS A 252 -15.34 4.56 -15.22
N ALA B 1 -15.76 4.73 15.09
CA ALA B 1 -15.04 3.62 14.47
C ALA B 1 -13.62 4.03 14.10
N ASN B 2 -12.77 3.03 13.85
CA ASN B 2 -11.34 3.25 13.60
C ASN B 2 -10.76 4.23 14.61
N ALA B 3 -11.03 3.94 15.87
CA ALA B 3 -10.69 4.85 16.96
C ALA B 3 -9.19 5.06 17.08
N LEU B 4 -8.41 4.00 16.95
CA LEU B 4 -6.95 4.13 17.04
C LEU B 4 -6.42 4.97 15.87
N LEU B 5 -7.03 4.80 14.70
CA LEU B 5 -6.65 5.56 13.52
C LEU B 5 -6.89 7.05 13.72
N ARG B 6 -8.10 7.40 14.14
CA ARG B 6 -8.45 8.78 14.45
C ARG B 6 -7.51 9.35 15.50
N TYR B 7 -7.22 8.56 16.53
CA TYR B 7 -6.30 8.96 17.59
C TYR B 7 -4.94 9.35 17.05
N LEU B 8 -4.39 8.52 16.17
CA LEU B 8 -3.06 8.76 15.61
C LEU B 8 -3.05 9.99 14.69
N LEU B 9 -4.15 10.20 13.99
CA LEU B 9 -4.24 11.34 13.08
C LEU B 9 -4.38 12.65 13.85
N ASP B 10 -5.08 12.60 14.98
CA ASP B 10 -5.43 13.82 15.72
C ASP B 10 -4.42 14.20 16.80
N LYS B 11 -3.32 13.46 16.92
CA LYS B 11 -2.38 13.75 18.00
C LYS B 11 -1.17 14.56 17.52
N ASP B 12 -0.55 15.24 18.49
CA ASP B 12 0.63 16.09 18.27
C ASP B 12 1.71 15.39 17.45
#